data_3E39
#
_entry.id   3E39
#
_cell.length_a   47.780
_cell.length_b   67.990
_cell.length_c   99.740
_cell.angle_alpha   90.000
_cell.angle_beta   90.000
_cell.angle_gamma   90.000
#
_symmetry.space_group_name_H-M   'P 21 21 21'
#
loop_
_entity.id
_entity.type
_entity.pdbx_description
1 polymer 'Putative Nitroreductase'
2 non-polymer 'ACETATE ION'
3 non-polymer 'FLAVIN MONONUCLEOTIDE'
4 non-polymer 'TRIETHYLENE GLYCOL'
5 water water
#
_entity_poly.entity_id   1
_entity_poly.type   'polypeptide(L)'
_entity_poly.pdbx_seq_one_letter_code
;G(MSE)LTENPVLQAIRQRRSIRRYTDEAVSDEAVRLILEAGIWAPSGLNNQPCRFLVIRADDPRCDILAAHTRYGHIVR
GAKVIILVFLDREA(MSE)YNEVKDHQAAGAAVQN(MSE)LLAAHALQLGAVWLGEIINQAATLLPALALDPARLSFEAA
IAAGHPAQNGSSSRRPLAELLLEEPFPQPE
;
_entity_poly.pdbx_strand_id   A,B
#
# COMPACT_ATOMS: atom_id res chain seq x y z
N THR A 4 11.76 -17.62 4.76
CA THR A 4 11.76 -19.09 5.09
C THR A 4 10.78 -19.42 6.22
N GLU A 5 10.75 -18.56 7.25
CA GLU A 5 9.93 -18.84 8.44
C GLU A 5 8.75 -17.90 8.69
N ASN A 6 8.71 -16.74 8.04
CA ASN A 6 7.69 -15.74 8.37
C ASN A 6 6.59 -15.66 7.33
N PRO A 7 5.35 -16.05 7.71
CA PRO A 7 4.26 -16.08 6.71
C PRO A 7 3.89 -14.72 6.10
N VAL A 8 4.02 -13.65 6.87
CA VAL A 8 3.70 -12.30 6.38
C VAL A 8 4.76 -11.91 5.37
N LEU A 9 6.05 -12.08 5.68
CA LEU A 9 7.08 -11.81 4.67
C LEU A 9 6.92 -12.69 3.41
N GLN A 10 6.57 -13.96 3.57
CA GLN A 10 6.35 -14.86 2.43
C GLN A 10 5.21 -14.35 1.55
N ALA A 11 4.12 -13.94 2.17
CA ALA A 11 2.94 -13.43 1.43
C ALA A 11 3.31 -12.20 0.59
N ILE A 12 4.06 -11.28 1.20
CA ILE A 12 4.50 -10.08 0.51
C ILE A 12 5.32 -10.43 -0.71
N ARG A 13 6.19 -11.43 -0.59
CA ARG A 13 7.05 -11.80 -1.70
C ARG A 13 6.37 -12.65 -2.78
N GLN A 14 5.46 -13.50 -2.34
CA GLN A 14 4.81 -14.49 -3.20
CA GLN A 14 4.81 -14.49 -3.20
C GLN A 14 3.48 -14.05 -3.81
N ARG A 15 2.89 -12.99 -3.28
CA ARG A 15 1.68 -12.43 -3.87
C ARG A 15 1.95 -12.10 -5.34
N ARG A 16 1.10 -12.60 -6.23
CA ARG A 16 1.23 -12.31 -7.65
C ARG A 16 -0.09 -11.80 -8.21
N SER A 17 0.02 -11.04 -9.30
CA SER A 17 -1.16 -10.66 -10.05
C SER A 17 -1.62 -11.94 -10.78
N ILE A 18 -2.81 -12.39 -10.42
CA ILE A 18 -3.44 -13.58 -11.00
CA ILE A 18 -3.42 -13.58 -11.00
C ILE A 18 -4.61 -13.06 -11.82
N ARG A 19 -4.64 -13.42 -13.11
CA ARG A 19 -5.62 -12.92 -14.07
C ARG A 19 -6.57 -13.96 -14.68
N ARG A 20 -6.42 -15.21 -14.23
CA ARG A 20 -7.22 -16.35 -14.72
C ARG A 20 -7.70 -17.15 -13.51
N TYR A 21 -8.97 -17.52 -13.53
CA TYR A 21 -9.61 -18.10 -12.36
C TYR A 21 -10.43 -19.33 -12.71
N THR A 22 -10.70 -20.14 -11.70
CA THR A 22 -11.53 -21.35 -11.87
C THR A 22 -12.98 -20.92 -11.77
N ASP A 23 -13.91 -21.87 -11.91
CA ASP A 23 -15.32 -21.54 -11.79
C ASP A 23 -15.78 -21.62 -10.33
N GLU A 24 -14.85 -21.82 -9.40
CA GLU A 24 -15.23 -21.96 -8.00
C GLU A 24 -15.72 -20.62 -7.40
N ALA A 25 -16.80 -20.69 -6.63
CA ALA A 25 -17.40 -19.50 -6.00
C ALA A 25 -16.45 -18.90 -4.97
N VAL A 26 -16.53 -17.57 -4.81
CA VAL A 26 -15.79 -16.87 -3.77
C VAL A 26 -16.83 -16.52 -2.75
N SER A 27 -16.70 -17.04 -1.54
CA SER A 27 -17.69 -16.82 -0.50
C SER A 27 -17.82 -15.40 -0.03
N ASP A 28 -19.01 -15.11 0.51
CA ASP A 28 -19.28 -13.83 1.12
C ASP A 28 -18.28 -13.59 2.23
N GLU A 29 -17.93 -14.63 2.98
CA GLU A 29 -16.97 -14.49 4.09
C GLU A 29 -15.60 -14.08 3.58
N ALA A 30 -15.14 -14.72 2.49
CA ALA A 30 -13.87 -14.32 1.86
C ALA A 30 -13.94 -12.83 1.46
N VAL A 31 -15.02 -12.42 0.80
CA VAL A 31 -15.14 -11.02 0.37
C VAL A 31 -15.11 -10.09 1.59
N ARG A 32 -15.84 -10.48 2.64
CA ARG A 32 -15.86 -9.69 3.87
C ARG A 32 -14.46 -9.55 4.48
N LEU A 33 -13.73 -10.66 4.57
CA LEU A 33 -12.37 -10.63 5.12
C LEU A 33 -11.45 -9.73 4.28
N ILE A 34 -11.61 -9.77 2.95
CA ILE A 34 -10.81 -8.95 2.06
C ILE A 34 -11.14 -7.46 2.32
N LEU A 35 -12.41 -7.14 2.38
CA LEU A 35 -12.82 -5.75 2.61
C LEU A 35 -12.32 -5.26 3.99
N GLU A 36 -12.40 -6.13 5.00
CA GLU A 36 -11.90 -5.78 6.38
C GLU A 36 -10.42 -5.44 6.36
N ALA A 37 -9.66 -6.17 5.55
CA ALA A 37 -8.21 -5.88 5.36
C ALA A 37 -8.08 -4.47 4.76
N GLY A 38 -8.91 -4.18 3.77
CA GLY A 38 -8.91 -2.87 3.13
C GLY A 38 -9.18 -1.69 4.06
N ILE A 39 -10.22 -1.78 4.91
CA ILE A 39 -10.58 -0.66 5.77
C ILE A 39 -9.55 -0.44 6.88
N TRP A 40 -8.77 -1.47 7.20
CA TRP A 40 -7.72 -1.40 8.22
C TRP A 40 -6.35 -0.90 7.71
N ALA A 41 -6.25 -0.61 6.42
CA ALA A 41 -5.10 0.11 5.93
C ALA A 41 -5.09 1.49 6.61
N PRO A 42 -3.91 2.07 6.79
CA PRO A 42 -3.83 3.41 7.40
C PRO A 42 -4.26 4.54 6.44
N SER A 43 -4.58 5.70 7.02
CA SER A 43 -4.90 6.88 6.25
C SER A 43 -4.44 8.07 7.06
N GLY A 44 -4.10 9.15 6.37
CA GLY A 44 -3.75 10.40 7.05
C GLY A 44 -4.93 10.85 7.93
N LEU A 45 -4.59 11.24 9.14
CA LEU A 45 -5.52 11.76 10.12
C LEU A 45 -6.54 10.71 10.54
N ASN A 46 -6.34 9.46 10.14
CA ASN A 46 -7.34 8.43 10.31
C ASN A 46 -8.69 8.91 9.73
N ASN A 47 -8.62 9.66 8.63
CA ASN A 47 -9.81 10.14 7.94
C ASN A 47 -10.62 9.04 7.23
N GLN A 48 -9.95 7.96 6.85
CA GLN A 48 -10.62 6.80 6.25
C GLN A 48 -11.42 7.23 5.01
N PRO A 49 -10.71 7.72 3.99
CA PRO A 49 -11.36 8.22 2.77
C PRO A 49 -11.82 7.17 1.76
N CYS A 50 -11.41 5.91 1.94
CA CYS A 50 -11.73 4.88 0.97
C CYS A 50 -13.17 4.38 1.07
N ARG A 51 -13.73 4.10 -0.10
CA ARG A 51 -15.09 3.58 -0.25
C ARG A 51 -15.01 2.40 -1.23
N PHE A 52 -15.93 1.46 -1.09
CA PHE A 52 -15.85 0.19 -1.83
C PHE A 52 -17.19 -0.20 -2.42
N LEU A 53 -17.13 -0.85 -3.57
CA LEU A 53 -18.33 -1.36 -4.22
C LEU A 53 -18.02 -2.75 -4.75
N VAL A 54 -18.77 -3.73 -4.28
CA VAL A 54 -18.59 -5.12 -4.71
C VAL A 54 -19.46 -5.43 -5.90
N ILE A 55 -18.85 -6.05 -6.94
CA ILE A 55 -19.57 -6.43 -8.15
C ILE A 55 -19.24 -7.88 -8.44
N ARG A 56 -20.20 -8.79 -8.20
CA ARG A 56 -19.99 -10.21 -8.52
C ARG A 56 -20.20 -10.53 -9.99
N ALA A 57 -19.70 -11.69 -10.41
CA ALA A 57 -19.74 -12.12 -11.81
C ALA A 57 -21.14 -12.16 -12.38
N ASP A 58 -22.09 -12.51 -11.52
CA ASP A 58 -23.48 -12.66 -11.93
C ASP A 58 -24.21 -11.31 -11.93
N ASP A 59 -23.48 -10.22 -11.66
CA ASP A 59 -24.08 -8.87 -11.61
C ASP A 59 -24.02 -8.25 -12.99
N PRO A 60 -25.16 -7.72 -13.51
CA PRO A 60 -25.10 -7.13 -14.86
C PRO A 60 -24.12 -5.97 -15.00
N ARG A 61 -23.75 -5.32 -13.88
CA ARG A 61 -22.78 -4.24 -13.92
C ARG A 61 -21.39 -4.71 -14.37
N CYS A 62 -21.14 -6.02 -14.40
CA CYS A 62 -19.87 -6.56 -14.90
CA CYS A 62 -19.87 -6.54 -14.86
C CYS A 62 -19.74 -6.27 -16.37
N ASP A 63 -20.87 -6.28 -17.07
CA ASP A 63 -20.89 -6.01 -18.50
C ASP A 63 -20.52 -4.55 -18.72
N ILE A 64 -21.03 -3.69 -17.84
CA ILE A 64 -20.70 -2.27 -17.90
C ILE A 64 -19.20 -2.08 -17.67
N LEU A 65 -18.67 -2.71 -16.62
CA LEU A 65 -17.22 -2.65 -16.37
C LEU A 65 -16.40 -3.10 -17.57
N ALA A 66 -16.80 -4.21 -18.17
CA ALA A 66 -16.08 -4.79 -19.32
C ALA A 66 -16.07 -3.89 -20.53
N ALA A 67 -17.14 -3.13 -20.72
CA ALA A 67 -17.20 -2.21 -21.87
C ALA A 67 -16.33 -0.96 -21.71
N HIS A 68 -15.75 -0.75 -20.53
CA HIS A 68 -14.96 0.46 -20.27
C HIS A 68 -13.52 0.15 -19.87
N THR A 69 -13.03 -1.00 -20.35
CA THR A 69 -11.68 -1.45 -20.16
C THR A 69 -11.17 -2.31 -21.32
N ARG A 70 -9.88 -2.20 -21.58
CA ARG A 70 -9.24 -3.11 -22.51
C ARG A 70 -8.94 -4.47 -21.87
N TYR A 71 -9.13 -4.58 -20.55
CA TYR A 71 -8.93 -5.83 -19.85
C TYR A 71 -10.24 -6.55 -19.54
N GLY A 72 -11.09 -6.64 -20.55
CA GLY A 72 -12.38 -7.31 -20.45
C GLY A 72 -12.32 -8.79 -20.16
N HIS A 73 -11.25 -9.47 -20.62
CA HIS A 73 -11.09 -10.90 -20.36
C HIS A 73 -10.94 -11.14 -18.85
N ILE A 74 -10.16 -10.30 -18.17
CA ILE A 74 -9.98 -10.41 -16.74
C ILE A 74 -11.31 -10.10 -16.05
N VAL A 75 -11.94 -9.01 -16.46
CA VAL A 75 -13.22 -8.61 -15.87
C VAL A 75 -14.28 -9.70 -16.01
N ARG A 76 -14.42 -10.26 -17.20
CA ARG A 76 -15.47 -11.28 -17.38
C ARG A 76 -15.14 -12.63 -16.75
N GLY A 77 -13.86 -12.89 -16.51
CA GLY A 77 -13.42 -14.15 -15.92
C GLY A 77 -13.43 -14.19 -14.40
N ALA A 78 -13.35 -13.00 -13.78
CA ALA A 78 -13.30 -12.89 -12.33
C ALA A 78 -14.61 -13.33 -11.70
N LYS A 79 -14.57 -13.79 -10.47
CA LYS A 79 -15.78 -14.15 -9.74
C LYS A 79 -16.29 -13.00 -8.91
N VAL A 80 -15.37 -12.15 -8.47
CA VAL A 80 -15.75 -10.94 -7.76
C VAL A 80 -14.78 -9.81 -8.14
N ILE A 81 -15.32 -8.60 -8.25
CA ILE A 81 -14.57 -7.39 -8.50
C ILE A 81 -14.90 -6.41 -7.35
N ILE A 82 -13.86 -5.84 -6.74
CA ILE A 82 -14.05 -4.83 -5.71
C ILE A 82 -13.57 -3.49 -6.30
N LEU A 83 -14.50 -2.56 -6.46
CA LEU A 83 -14.15 -1.23 -6.90
C LEU A 83 -13.76 -0.38 -5.69
N VAL A 84 -12.63 0.31 -5.82
CA VAL A 84 -12.10 1.15 -4.76
C VAL A 84 -12.17 2.63 -5.16
N PHE A 85 -12.66 3.47 -4.25
CA PHE A 85 -12.80 4.89 -4.49
C PHE A 85 -12.31 5.69 -3.29
N LEU A 86 -12.04 6.97 -3.54
CA LEU A 86 -11.87 7.91 -2.46
C LEU A 86 -13.12 8.78 -2.46
N ASP A 87 -13.63 9.02 -1.26
CA ASP A 87 -14.74 9.95 -1.05
C ASP A 87 -14.11 11.34 -1.08
N ARG A 88 -14.48 12.13 -2.07
CA ARG A 88 -13.90 13.48 -2.22
C ARG A 88 -14.13 14.39 -1.02
N GLU A 89 -15.22 14.18 -0.27
CA GLU A 89 -15.47 14.98 0.92
C GLU A 89 -14.54 14.65 2.07
N ALA A 90 -14.08 13.42 2.14
CA ALA A 90 -13.18 12.96 3.19
C ALA A 90 -11.68 13.17 2.89
N TYR A 92 -7.97 14.90 2.39
CA TYR A 92 -7.22 16.06 2.94
C TYR A 92 -6.01 16.45 2.12
N ASN A 93 -5.58 15.53 1.26
CA ASN A 93 -4.42 15.71 0.44
C ASN A 93 -4.46 14.69 -0.66
N GLU A 94 -4.51 15.13 -1.90
CA GLU A 94 -4.75 14.15 -2.98
C GLU A 94 -3.62 13.12 -3.08
N VAL A 95 -2.36 13.55 -3.07
CA VAL A 95 -1.26 12.57 -3.13
C VAL A 95 -1.37 11.55 -1.99
N LYS A 96 -1.46 12.04 -0.74
CA LYS A 96 -1.51 11.17 0.44
C LYS A 96 -2.72 10.23 0.49
N ASP A 97 -3.85 10.70 -0.04
CA ASP A 97 -5.08 9.90 -0.06
C ASP A 97 -4.99 8.85 -1.19
N HIS A 98 -4.34 9.22 -2.30
CA HIS A 98 -4.05 8.19 -3.34
C HIS A 98 -3.12 7.12 -2.72
N GLN A 99 -2.13 7.54 -1.94
CA GLN A 99 -1.22 6.60 -1.29
C GLN A 99 -2.01 5.69 -0.35
N ALA A 100 -2.95 6.27 0.37
CA ALA A 100 -3.79 5.48 1.29
C ALA A 100 -4.63 4.47 0.52
N ALA A 101 -5.14 4.86 -0.66
CA ALA A 101 -5.93 3.96 -1.50
C ALA A 101 -5.03 2.81 -1.94
N GLY A 102 -3.77 3.11 -2.26
CA GLY A 102 -2.77 2.11 -2.62
C GLY A 102 -2.52 1.12 -1.47
N ALA A 103 -2.46 1.67 -0.26
CA ALA A 103 -2.23 0.82 0.94
C ALA A 103 -3.45 -0.09 1.18
N ALA A 104 -4.65 0.45 0.95
CA ALA A 104 -5.88 -0.34 1.07
C ALA A 104 -5.92 -1.44 0.02
N VAL A 105 -5.62 -1.11 -1.23
CA VAL A 105 -5.59 -2.11 -2.32
C VAL A 105 -4.54 -3.20 -1.96
N GLN A 106 -3.34 -2.81 -1.54
CA GLN A 106 -2.31 -3.76 -1.20
C GLN A 106 -2.74 -4.72 -0.09
N ASN A 107 -3.37 -4.20 0.97
CA ASN A 107 -3.91 -5.06 2.03
C ASN A 107 -4.89 -6.08 1.47
N LEU A 109 -5.06 -7.25 -1.64
CA LEU A 109 -4.33 -8.22 -2.48
C LEU A 109 -3.62 -9.26 -1.58
N LEU A 110 -3.03 -8.80 -0.47
CA LEU A 110 -2.38 -9.70 0.49
C LEU A 110 -3.44 -10.60 1.17
N ALA A 111 -4.58 -10.00 1.51
CA ALA A 111 -5.67 -10.75 2.11
C ALA A 111 -6.19 -11.81 1.15
N ALA A 112 -6.36 -11.45 -0.12
CA ALA A 112 -6.81 -12.43 -1.13
C ALA A 112 -5.80 -13.57 -1.20
N HIS A 113 -4.52 -13.25 -1.31
CA HIS A 113 -3.46 -14.27 -1.36
C HIS A 113 -3.50 -15.19 -0.14
N ALA A 114 -3.63 -14.59 1.04
CA ALA A 114 -3.71 -15.30 2.33
C ALA A 114 -4.89 -16.28 2.35
N LEU A 115 -5.95 -15.94 1.63
CA LEU A 115 -7.14 -16.78 1.55
C LEU A 115 -7.09 -17.78 0.38
N GLN A 116 -5.89 -17.96 -0.19
CA GLN A 116 -5.64 -18.84 -1.34
C GLN A 116 -6.47 -18.43 -2.56
N LEU A 117 -6.75 -17.14 -2.66
CA LEU A 117 -7.42 -16.62 -3.84
C LEU A 117 -6.38 -15.95 -4.72
N GLY A 118 -6.71 -15.82 -5.99
CA GLY A 118 -5.90 -15.12 -6.98
C GLY A 118 -6.58 -13.77 -7.23
N ALA A 119 -5.78 -12.72 -7.33
CA ALA A 119 -6.29 -11.37 -7.59
C ALA A 119 -5.35 -10.53 -8.41
N VAL A 120 -5.91 -9.50 -9.05
CA VAL A 120 -5.14 -8.54 -9.80
C VAL A 120 -5.69 -7.11 -9.64
N TRP A 121 -4.77 -6.18 -9.40
CA TRP A 121 -5.04 -4.76 -9.28
C TRP A 121 -5.25 -4.26 -10.69
N LEU A 122 -6.42 -3.69 -10.99
CA LEU A 122 -6.67 -3.15 -12.31
C LEU A 122 -6.76 -1.63 -12.21
N GLY A 123 -5.84 -0.94 -12.89
CA GLY A 123 -5.78 0.53 -12.89
C GLY A 123 -6.03 1.18 -14.25
N GLU A 124 -5.81 0.46 -15.34
CA GLU A 124 -6.15 1.04 -16.64
C GLU A 124 -7.61 1.44 -16.69
N ILE A 125 -8.45 0.72 -15.95
CA ILE A 125 -9.88 0.95 -15.96
C ILE A 125 -10.26 2.33 -15.43
N ILE A 126 -9.44 2.87 -14.53
CA ILE A 126 -9.77 4.17 -13.94
C ILE A 126 -9.64 5.31 -14.93
N ASN A 127 -8.90 5.07 -16.02
CA ASN A 127 -8.77 6.08 -17.09
C ASN A 127 -10.13 6.44 -17.69
N GLN A 128 -11.09 5.52 -17.61
CA GLN A 128 -12.45 5.72 -18.11
C GLN A 128 -13.46 6.15 -17.05
N ALA A 129 -12.98 6.65 -15.92
CA ALA A 129 -13.87 7.03 -14.83
C ALA A 129 -15.02 7.96 -15.20
N ALA A 130 -14.75 8.97 -16.02
CA ALA A 130 -15.77 10.00 -16.36
C ALA A 130 -17.06 9.45 -16.98
N THR A 131 -16.89 8.41 -17.77
CA THR A 131 -18.00 7.73 -18.45
C THR A 131 -18.45 6.52 -17.66
N LEU A 132 -17.50 5.76 -17.10
CA LEU A 132 -17.87 4.59 -16.33
C LEU A 132 -18.69 4.86 -15.05
N LEU A 133 -18.31 5.85 -14.25
CA LEU A 133 -19.02 6.09 -13.00
C LEU A 133 -20.50 6.41 -13.20
N PRO A 134 -20.81 7.40 -14.06
CA PRO A 134 -22.24 7.66 -14.32
C PRO A 134 -23.00 6.40 -14.81
N ALA A 135 -22.32 5.52 -15.59
CA ALA A 135 -22.94 4.28 -16.09
C ALA A 135 -23.29 3.32 -14.94
N LEU A 136 -22.58 3.46 -13.81
CA LEU A 136 -22.78 2.64 -12.62
C LEU A 136 -23.63 3.38 -11.58
N ALA A 137 -24.25 4.49 -12.01
CA ALA A 137 -25.08 5.33 -11.17
C ALA A 137 -24.29 5.98 -10.04
N LEU A 138 -23.01 6.25 -10.29
CA LEU A 138 -22.13 6.90 -9.30
C LEU A 138 -21.77 8.32 -9.78
N ASP A 139 -21.49 9.19 -8.82
CA ASP A 139 -21.24 10.60 -9.07
C ASP A 139 -19.74 10.89 -9.02
N PRO A 140 -19.13 11.22 -10.18
CA PRO A 140 -17.72 11.54 -10.16
C PRO A 140 -17.39 12.81 -9.36
N ALA A 141 -18.39 13.63 -9.03
CA ALA A 141 -18.18 14.81 -8.20
C ALA A 141 -18.06 14.40 -6.74
N ARG A 142 -18.49 13.19 -6.41
CA ARG A 142 -18.42 12.71 -5.04
C ARG A 142 -17.30 11.71 -4.83
N LEU A 143 -16.96 10.96 -5.88
CA LEU A 143 -16.00 9.88 -5.76
C LEU A 143 -14.88 9.95 -6.79
N SER A 144 -13.66 9.63 -6.34
CA SER A 144 -12.49 9.46 -7.20
C SER A 144 -12.29 7.95 -7.34
N PHE A 145 -12.31 7.44 -8.56
CA PHE A 145 -12.18 6.04 -8.84
C PHE A 145 -10.70 5.71 -8.81
N GLU A 146 -10.31 4.87 -7.84
CA GLU A 146 -8.88 4.54 -7.63
C GLU A 146 -8.38 3.24 -8.26
N ALA A 147 -9.18 2.18 -8.22
CA ALA A 147 -8.74 0.87 -8.71
C ALA A 147 -9.88 -0.11 -8.71
N ALA A 148 -9.74 -1.20 -9.47
CA ALA A 148 -10.66 -2.33 -9.40
C ALA A 148 -9.80 -3.54 -9.07
N ILE A 149 -10.22 -4.40 -8.16
CA ILE A 149 -9.49 -5.63 -7.86
C ILE A 149 -10.38 -6.74 -8.38
N ALA A 150 -9.85 -7.51 -9.33
CA ALA A 150 -10.54 -8.67 -9.89
C ALA A 150 -10.01 -9.86 -9.12
N ALA A 151 -10.88 -10.79 -8.74
CA ALA A 151 -10.48 -11.93 -7.94
C ALA A 151 -11.24 -13.22 -8.22
N GLY A 152 -10.65 -14.33 -7.81
CA GLY A 152 -11.25 -15.66 -7.94
C GLY A 152 -10.28 -16.72 -7.44
N HIS A 153 -10.73 -17.96 -7.43
CA HIS A 153 -9.82 -19.04 -7.10
C HIS A 153 -8.88 -19.15 -8.30
N PRO A 154 -7.58 -19.28 -8.05
CA PRO A 154 -6.59 -19.18 -9.12
C PRO A 154 -6.58 -20.35 -10.12
N ALA A 155 -6.48 -20.01 -11.41
CA ALA A 155 -6.32 -21.00 -12.51
C ALA A 155 -4.96 -20.82 -13.19
N GLN A 156 -4.01 -20.22 -12.48
CA GLN A 156 -2.66 -20.05 -12.99
C GLN A 156 -1.85 -19.53 -11.82
N ASN A 157 -0.55 -19.68 -11.93
CA ASN A 157 0.40 -19.09 -11.00
C ASN A 157 0.83 -17.89 -11.81
N GLY A 158 1.16 -16.81 -11.14
CA GLY A 158 1.63 -15.64 -11.85
C GLY A 158 3.14 -15.71 -11.89
N SER A 159 3.73 -14.69 -12.48
CA SER A 159 5.18 -14.57 -12.49
C SER A 159 5.50 -13.09 -12.70
N SER A 160 6.59 -12.64 -12.10
CA SER A 160 7.03 -11.25 -12.25
C SER A 160 8.51 -11.17 -11.86
N SER A 161 9.04 -9.97 -11.92
CA SER A 161 10.44 -9.72 -11.59
C SER A 161 10.53 -8.38 -10.87
N ARG A 162 11.57 -8.22 -10.09
CA ARG A 162 11.86 -6.92 -9.50
C ARG A 162 13.34 -6.62 -9.68
N ARG A 163 13.65 -5.35 -9.76
CA ARG A 163 15.05 -4.88 -9.79
C ARG A 163 15.69 -5.20 -8.44
N PRO A 164 17.01 -5.37 -8.42
CA PRO A 164 17.69 -5.64 -7.17
C PRO A 164 17.59 -4.45 -6.26
N LEU A 165 17.46 -4.70 -4.96
CA LEU A 165 17.41 -3.63 -3.97
C LEU A 165 18.49 -2.60 -4.15
N ALA A 166 19.68 -3.09 -4.50
CA ALA A 166 20.84 -2.22 -4.73
C ALA A 166 20.60 -1.12 -5.78
N GLU A 167 19.83 -1.45 -6.82
CA GLU A 167 19.50 -0.48 -7.85
C GLU A 167 18.40 0.49 -7.43
N LEU A 168 17.70 0.15 -6.36
CA LEU A 168 16.55 0.95 -5.88
C LEU A 168 16.88 1.84 -4.67
N LEU A 169 18.05 1.61 -4.06
CA LEU A 169 18.52 2.44 -2.96
C LEU A 169 19.22 3.68 -3.48
N LEU A 170 19.02 4.83 -2.82
CA LEU A 170 19.74 6.05 -3.21
C LEU A 170 21.16 6.07 -2.64
N GLU A 171 21.37 5.22 -1.65
CA GLU A 171 22.63 5.09 -0.90
CA GLU A 171 22.62 5.10 -0.94
C GLU A 171 22.69 3.70 -0.33
N GLU A 172 23.91 3.16 -0.22
CA GLU A 172 24.12 1.87 0.36
C GLU A 172 24.18 2.03 1.89
N PRO A 173 23.21 1.44 2.62
CA PRO A 173 23.18 1.57 4.07
C PRO A 173 23.97 0.52 4.83
N PHE A 174 24.37 -0.58 4.19
CA PHE A 174 25.02 -1.67 4.89
C PHE A 174 26.53 -1.60 4.66
N PRO A 175 27.32 -2.09 5.64
CA PRO A 175 28.79 -2.05 5.52
C PRO A 175 29.29 -2.72 4.23
N GLN A 176 28.63 -3.81 3.85
CA GLN A 176 28.94 -4.52 2.63
C GLN A 176 27.97 -4.08 1.51
N PRO A 177 28.48 -3.33 0.51
CA PRO A 177 27.61 -2.91 -0.59
C PRO A 177 26.71 -4.02 -1.15
N GLU A 178 25.46 -3.65 -1.50
CA GLU A 178 24.43 -4.59 -1.99
C GLU A 178 24.70 -5.21 -3.36
N THR B 4 -9.69 -20.86 12.46
CA THR B 4 -8.24 -20.62 12.13
C THR B 4 -7.96 -19.10 12.01
N GLU B 5 -6.90 -18.60 12.66
CA GLU B 5 -6.58 -17.16 12.57
C GLU B 5 -5.35 -16.93 11.68
N ASN B 6 -5.62 -16.62 10.43
CA ASN B 6 -4.59 -16.40 9.45
C ASN B 6 -3.58 -15.32 9.88
N PRO B 7 -2.29 -15.65 9.91
CA PRO B 7 -1.28 -14.66 10.36
C PRO B 7 -1.21 -13.39 9.50
N VAL B 8 -1.45 -13.51 8.20
CA VAL B 8 -1.45 -12.33 7.32
C VAL B 8 -2.64 -11.42 7.66
N LEU B 9 -3.83 -12.01 7.79
CA LEU B 9 -5.02 -11.21 8.13
C LEU B 9 -4.87 -10.55 9.52
N GLN B 10 -4.30 -11.31 10.46
CA GLN B 10 -4.05 -10.84 11.82
C GLN B 10 -3.09 -9.64 11.78
N ALA B 11 -1.99 -9.79 11.06
CA ALA B 11 -1.02 -8.69 10.91
C ALA B 11 -1.68 -7.43 10.31
N ILE B 12 -2.48 -7.61 9.29
CA ILE B 12 -3.16 -6.49 8.66
C ILE B 12 -4.03 -5.76 9.65
N ARG B 13 -4.74 -6.51 10.49
CA ARG B 13 -5.60 -5.91 11.49
C ARG B 13 -4.88 -5.34 12.71
N GLN B 14 -3.75 -5.96 13.09
CA GLN B 14 -3.05 -5.58 14.31
CA GLN B 14 -3.03 -5.60 14.30
C GLN B 14 -1.92 -4.57 14.14
N ARG B 15 -1.49 -4.35 12.90
CA ARG B 15 -0.46 -3.36 12.60
C ARG B 15 -0.98 -2.01 13.08
N ARG B 16 -0.17 -1.36 13.92
CA ARG B 16 -0.48 -0.04 14.43
C ARG B 16 0.62 0.96 14.07
N SER B 17 0.25 2.22 14.05
CA SER B 17 1.24 3.27 13.96
C SER B 17 1.87 3.31 15.38
N ILE B 18 3.13 2.92 15.48
CA ILE B 18 3.87 2.95 16.76
C ILE B 18 4.84 4.12 16.65
N ARG B 19 4.70 5.07 17.59
CA ARG B 19 5.43 6.33 17.57
C ARG B 19 6.44 6.53 18.68
N ARG B 20 6.64 5.49 19.48
CA ARG B 20 7.60 5.54 20.56
C ARG B 20 8.25 4.17 20.68
N TYR B 21 9.58 4.18 20.81
CA TYR B 21 10.40 2.99 20.68
C TYR B 21 11.28 2.80 21.91
N THR B 22 11.76 1.57 22.10
CA THR B 22 12.70 1.31 23.16
C THR B 22 14.04 1.80 22.65
N ASP B 23 15.05 1.76 23.53
CA ASP B 23 16.39 2.17 23.13
C ASP B 23 17.20 1.08 22.38
N GLU B 24 16.60 -0.05 22.10
CA GLU B 24 17.31 -1.18 21.50
C GLU B 24 17.61 -1.03 20.00
N ALA B 25 18.77 -1.54 19.61
CA ALA B 25 19.23 -1.45 18.23
C ALA B 25 18.32 -2.18 17.27
N VAL B 26 18.22 -1.64 16.07
CA VAL B 26 17.52 -2.31 14.98
C VAL B 26 18.59 -2.83 14.01
N SER B 27 18.57 -4.13 13.78
CA SER B 27 19.60 -4.76 12.98
C SER B 27 19.54 -4.40 11.50
N ASP B 28 20.69 -4.52 10.86
CA ASP B 28 20.74 -4.28 9.42
C ASP B 28 19.87 -5.32 8.72
N GLU B 29 19.85 -6.54 9.23
CA GLU B 29 19.05 -7.58 8.59
C GLU B 29 17.56 -7.25 8.62
N ALA B 30 17.09 -6.67 9.72
CA ALA B 30 15.68 -6.29 9.83
C ALA B 30 15.40 -5.23 8.76
N VAL B 31 16.31 -4.28 8.65
CA VAL B 31 16.14 -3.17 7.68
C VAL B 31 16.10 -3.74 6.26
N ARG B 32 16.96 -4.71 5.96
CA ARG B 32 16.99 -5.28 4.64
C ARG B 32 15.65 -5.98 4.34
N LEU B 33 15.13 -6.72 5.32
CA LEU B 33 13.88 -7.44 5.13
C LEU B 33 12.72 -6.49 4.87
N ILE B 34 12.68 -5.39 5.62
CA ILE B 34 11.65 -4.37 5.42
C ILE B 34 11.73 -3.79 4.00
N LEU B 35 12.96 -3.44 3.58
CA LEU B 35 13.21 -2.90 2.23
C LEU B 35 12.78 -3.88 1.15
N GLU B 36 13.12 -5.15 1.34
CA GLU B 36 12.71 -6.20 0.41
C GLU B 36 11.18 -6.27 0.27
N ALA B 37 10.47 -6.15 1.39
CA ALA B 37 9.02 -6.10 1.36
C ALA B 37 8.55 -4.93 0.49
N GLY B 38 9.19 -3.77 0.64
CA GLY B 38 8.86 -2.59 -0.13
C GLY B 38 9.01 -2.76 -1.63
N ILE B 39 10.13 -3.33 -2.06
CA ILE B 39 10.42 -3.45 -3.50
C ILE B 39 9.49 -4.44 -4.20
N TRP B 40 8.92 -5.37 -3.45
CA TRP B 40 7.99 -6.35 -3.99
C TRP B 40 6.52 -5.89 -4.02
N ALA B 41 6.25 -4.66 -3.62
CA ALA B 41 4.92 -4.12 -3.83
C ALA B 41 4.79 -4.04 -5.37
N PRO B 42 3.56 -4.07 -5.88
CA PRO B 42 3.32 -3.92 -7.33
C PRO B 42 3.40 -2.46 -7.82
N SER B 43 3.47 -2.28 -9.14
CA SER B 43 3.47 -1.00 -9.80
C SER B 43 2.76 -1.26 -11.12
N GLY B 44 2.09 -0.25 -11.65
CA GLY B 44 1.24 -0.38 -12.86
C GLY B 44 1.78 -1.11 -14.09
N LEU B 45 3.01 -0.79 -14.46
CA LEU B 45 3.63 -1.42 -15.63
C LEU B 45 4.83 -2.22 -15.21
N ASN B 46 4.85 -2.65 -13.95
CA ASN B 46 6.08 -3.19 -13.36
C ASN B 46 7.22 -2.17 -13.55
N ASN B 47 6.87 -0.87 -13.55
CA ASN B 47 7.83 0.23 -13.72
C ASN B 47 8.70 0.48 -12.47
N GLN B 48 8.21 0.02 -11.33
CA GLN B 48 8.95 0.09 -10.06
C GLN B 48 9.56 1.48 -9.85
N PRO B 49 8.71 2.50 -9.64
CA PRO B 49 9.18 3.87 -9.48
C PRO B 49 9.79 4.22 -8.11
N CYS B 50 9.57 3.37 -7.10
CA CYS B 50 10.01 3.72 -5.75
C CYS B 50 11.52 3.58 -5.58
N ARG B 51 12.07 4.56 -4.83
CA ARG B 51 13.47 4.58 -4.43
C ARG B 51 13.49 4.79 -2.91
N PHE B 52 14.54 4.27 -2.28
CA PHE B 52 14.64 4.23 -0.81
C PHE B 52 15.95 4.78 -0.27
N LEU B 53 15.87 5.42 0.89
CA LEU B 53 17.06 5.95 1.57
C LEU B 53 16.88 5.68 3.07
N VAL B 54 17.85 4.96 3.66
CA VAL B 54 17.85 4.59 5.08
C VAL B 54 18.62 5.64 5.88
N ILE B 55 18.02 6.18 6.93
CA ILE B 55 18.73 7.14 7.78
C ILE B 55 18.65 6.63 9.18
N ARG B 56 19.81 6.31 9.76
CA ARG B 56 19.84 5.83 11.15
C ARG B 56 19.95 6.97 12.16
N ALA B 57 19.53 6.70 13.41
CA ALA B 57 19.50 7.68 14.51
C ALA B 57 20.82 8.44 14.67
N ASP B 58 21.94 7.76 14.50
CA ASP B 58 23.24 8.45 14.65
C ASP B 58 23.66 9.34 13.46
N ASP B 59 22.86 9.35 12.42
CA ASP B 59 23.19 10.12 11.21
C ASP B 59 22.80 11.59 11.39
N PRO B 60 23.70 12.52 11.02
CA PRO B 60 23.37 13.94 11.05
C PRO B 60 22.05 14.31 10.36
N ARG B 61 21.70 13.52 9.34
CA ARG B 61 20.47 13.75 8.59
C ARG B 61 19.20 13.57 9.41
N CYS B 62 19.30 12.88 10.55
CA CYS B 62 18.15 12.73 11.45
CA CYS B 62 18.15 12.69 11.41
C CYS B 62 17.70 14.08 11.96
N ASP B 63 18.66 14.92 12.34
CA ASP B 63 18.37 16.27 12.82
C ASP B 63 17.77 17.11 11.69
N ILE B 64 18.27 16.90 10.48
CA ILE B 64 17.76 17.66 9.32
C ILE B 64 16.30 17.27 9.10
N LEU B 65 16.02 15.97 9.11
CA LEU B 65 14.63 15.49 8.98
C LEU B 65 13.73 16.07 10.08
N ALA B 66 14.17 16.00 11.32
CA ALA B 66 13.42 16.53 12.47
C ALA B 66 13.09 18.00 12.32
N ALA B 67 14.05 18.76 11.78
CA ALA B 67 13.92 20.20 11.55
C ALA B 67 12.91 20.53 10.48
N HIS B 68 12.49 19.54 9.69
CA HIS B 68 11.52 19.76 8.61
C HIS B 68 10.17 19.06 8.81
N THR B 69 9.85 18.71 10.05
CA THR B 69 8.53 18.13 10.35
C THR B 69 8.06 18.54 11.71
N ARG B 70 6.74 18.59 11.88
CA ARG B 70 6.15 18.86 13.19
C ARG B 70 6.41 17.69 14.13
N TYR B 71 6.69 16.51 13.57
CA TYR B 71 6.88 15.30 14.36
C TYR B 71 8.34 15.00 14.65
N GLY B 72 9.09 16.05 14.96
CA GLY B 72 10.49 15.90 15.27
C GLY B 72 10.75 14.95 16.41
N HIS B 73 9.87 14.91 17.42
CA HIS B 73 10.08 14.02 18.54
C HIS B 73 10.04 12.56 18.13
N ILE B 74 9.20 12.22 17.16
CA ILE B 74 9.12 10.83 16.68
C ILE B 74 10.41 10.52 15.91
N VAL B 75 10.79 11.45 15.04
CA VAL B 75 12.01 11.29 14.23
C VAL B 75 13.22 11.07 15.10
N ARG B 76 13.34 11.86 16.16
CA ARG B 76 14.47 11.76 17.10
CA ARG B 76 14.48 11.75 17.08
C ARG B 76 14.44 10.50 17.97
N GLY B 77 13.25 9.93 18.20
CA GLY B 77 13.15 8.72 19.03
C GLY B 77 13.35 7.43 18.27
N ALA B 78 13.16 7.50 16.96
CA ALA B 78 13.30 6.36 16.10
C ALA B 78 14.75 5.87 16.02
N LYS B 79 14.93 4.58 15.74
CA LYS B 79 16.28 4.03 15.50
C LYS B 79 16.64 4.09 14.02
N VAL B 80 15.63 3.97 13.16
CA VAL B 80 15.87 4.04 11.74
CA VAL B 80 15.83 3.96 11.72
C VAL B 80 14.68 4.69 11.04
N ILE B 81 15.00 5.48 10.00
CA ILE B 81 14.00 6.15 9.20
C ILE B 81 14.27 5.72 7.77
N ILE B 82 13.22 5.23 7.10
CA ILE B 82 13.30 4.85 5.70
C ILE B 82 12.51 5.91 4.92
N LEU B 83 13.21 6.63 4.05
CA LEU B 83 12.62 7.66 3.21
C LEU B 83 12.24 7.01 1.89
N VAL B 84 11.04 7.32 1.41
CA VAL B 84 10.49 6.74 0.18
C VAL B 84 10.27 7.85 -0.86
N PHE B 85 10.75 7.60 -2.07
CA PHE B 85 10.64 8.56 -3.17
C PHE B 85 10.14 7.85 -4.41
N LEU B 86 9.69 8.64 -5.37
CA LEU B 86 9.45 8.18 -6.73
C LEU B 86 10.53 8.79 -7.61
N ASP B 87 11.13 7.97 -8.46
CA ASP B 87 12.07 8.41 -9.47
C ASP B 87 11.16 8.85 -10.62
N ARG B 88 11.15 10.14 -10.89
CA ARG B 88 10.28 10.67 -11.94
C ARG B 88 10.55 10.06 -13.29
N GLU B 89 11.76 9.58 -13.55
CA GLU B 89 12.08 8.94 -14.82
C GLU B 89 11.49 7.53 -14.95
N ALA B 90 11.04 6.97 -13.83
CA ALA B 90 10.42 5.65 -13.79
C ALA B 90 8.89 5.70 -13.72
N TYR B 92 4.88 6.53 -14.83
CA TYR B 92 4.01 6.45 -16.02
C TYR B 92 2.69 7.20 -15.81
N ASN B 93 2.32 7.40 -14.56
CA ASN B 93 1.04 8.00 -14.23
C ASN B 93 1.12 8.51 -12.82
N GLU B 94 0.95 9.82 -12.63
CA GLU B 94 1.09 10.40 -11.29
C GLU B 94 0.23 9.69 -10.24
N VAL B 95 -1.08 9.67 -10.46
CA VAL B 95 -1.97 9.03 -9.47
C VAL B 95 -1.59 7.58 -9.18
N LYS B 96 -1.40 6.77 -10.22
CA LYS B 96 -1.13 5.36 -10.03
C LYS B 96 0.27 5.08 -9.45
N ASP B 97 1.23 5.95 -9.71
CA ASP B 97 2.58 5.77 -9.11
C ASP B 97 2.58 6.16 -7.60
N HIS B 98 1.77 7.16 -7.22
CA HIS B 98 1.59 7.49 -5.82
C HIS B 98 0.88 6.31 -5.13
N GLN B 99 -0.11 5.68 -5.79
CA GLN B 99 -0.78 4.52 -5.20
C GLN B 99 0.27 3.41 -4.97
N ALA B 100 1.15 3.25 -5.96
CA ALA B 100 2.24 2.27 -5.85
C ALA B 100 3.17 2.54 -4.67
N ALA B 101 3.44 3.81 -4.38
CA ALA B 101 4.25 4.22 -3.24
C ALA B 101 3.52 3.85 -1.96
N GLY B 102 2.21 4.01 -1.95
CA GLY B 102 1.41 3.61 -0.81
C GLY B 102 1.47 2.11 -0.58
N ALA B 103 1.42 1.34 -1.64
CA ALA B 103 1.50 -0.13 -1.55
C ALA B 103 2.88 -0.56 -0.97
N ALA B 104 3.94 0.11 -1.41
CA ALA B 104 5.31 -0.12 -0.90
C ALA B 104 5.43 0.17 0.58
N VAL B 105 4.93 1.35 0.99
CA VAL B 105 4.92 1.75 2.38
C VAL B 105 4.14 0.72 3.19
N GLN B 106 2.96 0.35 2.71
CA GLN B 106 2.14 -0.62 3.44
C GLN B 106 2.90 -1.94 3.60
N ASN B 107 3.51 -2.45 2.54
CA ASN B 107 4.33 -3.66 2.69
C ASN B 107 5.39 -3.51 3.77
N LEU B 109 5.40 -1.45 6.40
CA LEU B 109 4.77 -1.36 7.73
C LEU B 109 4.38 -2.78 8.18
N LEU B 110 3.82 -3.58 7.25
CA LEU B 110 3.43 -4.95 7.60
C LEU B 110 4.65 -5.79 7.95
N ALA B 111 5.69 -5.70 7.12
CA ALA B 111 6.97 -6.40 7.38
C ALA B 111 7.57 -6.00 8.72
N ALA B 112 7.53 -4.69 9.05
CA ALA B 112 8.08 -4.22 10.34
C ALA B 112 7.30 -4.91 11.46
N HIS B 113 6.00 -4.86 11.34
CA HIS B 113 5.13 -5.51 12.34
C HIS B 113 5.45 -7.00 12.44
N ALA B 114 5.59 -7.65 11.29
CA ALA B 114 5.90 -9.10 11.26
C ALA B 114 7.23 -9.44 11.97
N LEU B 115 8.14 -8.47 12.02
CA LEU B 115 9.45 -8.63 12.64
C LEU B 115 9.40 -8.14 14.08
N GLN B 116 8.20 -7.86 14.58
CA GLN B 116 7.98 -7.35 15.94
C GLN B 116 8.58 -5.95 16.21
N LEU B 117 8.74 -5.18 15.14
CA LEU B 117 9.17 -3.81 15.23
C LEU B 117 7.94 -2.91 15.21
N GLY B 118 8.08 -1.70 15.71
CA GLY B 118 7.01 -0.71 15.65
C GLY B 118 7.42 0.28 14.58
N ALA B 119 6.45 0.76 13.82
CA ALA B 119 6.74 1.77 12.81
C ALA B 119 5.58 2.70 12.63
N VAL B 120 5.86 3.85 12.03
CA VAL B 120 4.82 4.82 11.72
C VAL B 120 5.09 5.52 10.41
N TRP B 121 4.07 5.57 9.57
CA TRP B 121 4.08 6.28 8.29
C TRP B 121 4.05 7.78 8.60
N LEU B 122 5.09 8.51 8.20
CA LEU B 122 5.11 9.99 8.37
C LEU B 122 4.95 10.66 7.02
N GLY B 123 3.83 11.38 6.89
CA GLY B 123 3.49 12.10 5.66
C GLY B 123 3.51 13.61 5.84
N GLU B 124 3.37 14.13 7.06
CA GLU B 124 3.41 15.60 7.23
C GLU B 124 4.74 16.17 6.72
N ILE B 125 5.79 15.40 6.94
CA ILE B 125 7.16 15.77 6.54
C ILE B 125 7.29 16.06 5.05
N ILE B 126 6.48 15.41 4.22
CA ILE B 126 6.61 15.60 2.76
C ILE B 126 6.17 16.97 2.30
N ASN B 127 5.40 17.67 3.14
CA ASN B 127 4.94 19.01 2.84
C ASN B 127 6.14 19.97 2.68
N GLN B 128 7.25 19.62 3.32
CA GLN B 128 8.47 20.42 3.31
C GLN B 128 9.51 19.89 2.32
N ALA B 129 9.10 19.05 1.38
CA ALA B 129 10.02 18.47 0.40
C ALA B 129 10.91 19.48 -0.34
N ALA B 130 10.33 20.64 -0.65
CA ALA B 130 11.07 21.65 -1.45
C ALA B 130 12.33 22.19 -0.76
N THR B 131 12.32 22.23 0.56
CA THR B 131 13.47 22.67 1.36
C THR B 131 14.26 21.49 1.96
N LEU B 132 13.54 20.43 2.32
CA LEU B 132 14.19 19.28 2.90
C LEU B 132 15.12 18.56 1.93
N LEU B 133 14.65 18.29 0.72
CA LEU B 133 15.47 17.53 -0.26
C LEU B 133 16.82 18.20 -0.52
N PRO B 134 16.81 19.51 -0.84
CA PRO B 134 18.09 20.21 -0.99
C PRO B 134 18.97 20.12 0.27
N ALA B 135 18.37 20.23 1.46
CA ALA B 135 19.10 20.10 2.72
C ALA B 135 19.78 18.73 2.88
N LEU B 136 19.16 17.71 2.29
CA LEU B 136 19.68 16.33 2.27
C LEU B 136 20.57 16.02 1.03
N ALA B 137 20.86 17.05 0.24
CA ALA B 137 21.64 16.93 -1.01
C ALA B 137 21.01 15.96 -2.03
N LEU B 138 19.67 16.01 -2.10
CA LEU B 138 18.88 15.22 -3.03
C LEU B 138 18.20 16.18 -3.98
N ASP B 139 17.93 15.70 -5.18
CA ASP B 139 17.39 16.52 -6.24
C ASP B 139 15.90 16.33 -6.42
N PRO B 140 15.10 17.34 -6.05
CA PRO B 140 13.66 17.28 -6.14
C PRO B 140 13.12 17.37 -7.56
N ALA B 141 13.98 17.77 -8.51
CA ALA B 141 13.56 17.75 -9.91
C ALA B 141 13.47 16.29 -10.36
N ARG B 142 14.35 15.45 -9.84
CA ARG B 142 14.38 14.03 -10.16
C ARG B 142 13.50 13.18 -9.22
N LEU B 143 13.41 13.59 -7.97
CA LEU B 143 12.73 12.79 -6.97
C LEU B 143 11.50 13.45 -6.35
N SER B 144 10.42 12.69 -6.29
CA SER B 144 9.21 13.10 -5.58
C SER B 144 9.32 12.42 -4.21
N PHE B 145 9.20 13.17 -3.12
CA PHE B 145 9.29 12.61 -1.77
C PHE B 145 7.89 12.14 -1.36
N GLU B 146 7.75 10.83 -1.12
CA GLU B 146 6.45 10.21 -0.85
C GLU B 146 6.09 10.02 0.60
N ALA B 147 7.06 9.60 1.42
CA ALA B 147 6.83 9.25 2.81
C ALA B 147 8.13 8.99 3.56
N ALA B 148 8.09 9.10 4.88
CA ALA B 148 9.17 8.66 5.74
C ALA B 148 8.52 7.66 6.70
N ILE B 149 9.20 6.54 6.93
CA ILE B 149 8.75 5.54 7.90
C ILE B 149 9.74 5.57 9.04
N ALA B 150 9.27 5.84 10.25
CA ALA B 150 10.09 5.85 11.48
C ALA B 150 9.90 4.50 12.12
N ALA B 151 10.98 3.92 12.62
CA ALA B 151 10.86 2.56 13.18
C ALA B 151 11.82 2.31 14.32
N GLY B 152 11.45 1.33 15.15
CA GLY B 152 12.29 0.94 16.29
C GLY B 152 11.57 -0.18 17.01
N HIS B 153 12.20 -0.74 18.03
CA HIS B 153 11.51 -1.76 18.82
C HIS B 153 10.40 -1.03 19.57
N PRO B 154 9.21 -1.62 19.63
CA PRO B 154 8.09 -0.85 20.22
C PRO B 154 8.12 -0.68 21.75
N ALA B 155 7.77 0.53 22.21
CA ALA B 155 7.64 0.88 23.63
C ALA B 155 6.16 1.18 23.96
N GLN B 156 5.26 0.99 23.00
CA GLN B 156 3.82 1.17 23.22
C GLN B 156 3.12 0.16 22.31
N ASN B 157 1.85 -0.11 22.59
CA ASN B 157 1.05 -1.05 21.79
C ASN B 157 0.35 -0.44 20.57
N GLY B 158 0.16 0.86 20.62
CA GLY B 158 -0.57 1.56 19.58
C GLY B 158 -2.05 1.42 19.85
N SER B 159 -2.84 2.29 19.24
CA SER B 159 -4.28 2.29 19.41
C SER B 159 -4.94 3.06 18.29
N SER B 160 -5.95 2.45 17.67
CA SER B 160 -6.68 3.14 16.62
C SER B 160 -8.14 2.66 16.56
N SER B 161 -8.86 3.17 15.59
CA SER B 161 -10.23 2.75 15.37
C SER B 161 -10.54 2.89 13.90
N ARG B 162 -11.54 2.16 13.43
CA ARG B 162 -12.07 2.34 12.08
C ARG B 162 -13.59 2.32 12.19
N ARG B 163 -14.22 3.05 11.29
CA ARG B 163 -15.69 3.03 11.17
C ARG B 163 -16.06 1.64 10.63
N PRO B 164 -17.33 1.20 10.84
CA PRO B 164 -17.70 -0.14 10.41
C PRO B 164 -17.66 -0.26 8.91
N LEU B 165 -17.28 -1.44 8.44
CA LEU B 165 -17.24 -1.72 7.00
C LEU B 165 -18.50 -1.26 6.25
N ALA B 166 -19.67 -1.52 6.83
CA ALA B 166 -20.92 -1.18 6.17
C ALA B 166 -21.05 0.28 5.81
N GLU B 167 -20.44 1.15 6.61
CA GLU B 167 -20.44 2.58 6.29
C GLU B 167 -19.55 2.96 5.11
N LEU B 168 -18.52 2.16 4.84
CA LEU B 168 -17.58 2.48 3.75
C LEU B 168 -17.97 1.86 2.42
N LEU B 169 -18.97 0.99 2.44
CA LEU B 169 -19.50 0.37 1.26
C LEU B 169 -20.53 1.24 0.61
N LEU B 170 -20.41 1.41 -0.70
CA LEU B 170 -21.35 2.21 -1.43
C LEU B 170 -22.71 1.53 -1.61
N GLU B 171 -22.73 0.23 -1.43
CA GLU B 171 -23.94 -0.57 -1.53
C GLU B 171 -23.69 -1.75 -0.62
N GLU B 172 -24.71 -2.23 0.06
CA GLU B 172 -24.52 -3.35 0.97
C GLU B 172 -24.56 -4.65 0.15
N PRO B 173 -23.45 -5.42 0.12
CA PRO B 173 -23.35 -6.61 -0.74
C PRO B 173 -23.77 -7.96 -0.14
N PHE B 174 -24.01 -8.02 1.16
CA PHE B 174 -24.34 -9.29 1.82
C PHE B 174 -25.84 -9.41 2.11
N PRO B 175 -26.34 -10.66 2.28
CA PRO B 175 -27.76 -10.90 2.54
C PRO B 175 -28.14 -10.55 3.97
#